data_3N2I
#
_entry.id   3N2I
#
_cell.length_a   92.600
_cell.length_b   92.600
_cell.length_c   231.538
_cell.angle_alpha   90.00
_cell.angle_beta   90.00
_cell.angle_gamma   90.00
#
_symmetry.space_group_name_H-M   'I 41 2 2'
#
loop_
_entity.id
_entity.type
_entity.pdbx_description
1 polymer 'Thymidylate kinase'
2 non-polymer 'CHLORIDE ION'
3 non-polymer THYMIDINE
4 water water
#
_entity_poly.entity_id   1
_entity_poly.type   'polypeptide(L)'
_entity_poly.pdbx_seq_one_letter_code
;MHHHHHHSSGVDLGTENLYFQSNAMNAKFIVIEGLEGAGKSTAIQVVVETLQQNGIDHITRTREPGGTLLAEKLRALVKE
EHPGEELQDITELLLVYAARVQLVENVIKPALARGEWVVGDRHDMSSQAYQGGGRQIAPSTMQSLKQTALGDFKPDLTLY
LDIDPKLGLERARGRGELDRIEKMDISFFERARERYLELANSDDSVVMIDAAQSIEQVTADIRRALQDWLSQVNRV
;
_entity_poly.pdbx_strand_id   A,B
#
# COMPACT_ATOMS: atom_id res chain seq x y z
N MET A 25 -30.72 -5.79 19.12
CA MET A 25 -29.66 -5.14 18.33
C MET A 25 -28.39 -5.93 18.58
N ASN A 26 -27.55 -6.02 17.53
CA ASN A 26 -26.27 -6.67 17.53
C ASN A 26 -25.38 -5.50 17.14
N ALA A 27 -24.06 -5.67 17.31
CA ALA A 27 -23.09 -4.64 17.08
C ALA A 27 -22.95 -4.16 15.66
N LYS A 28 -22.78 -2.85 15.54
CA LYS A 28 -22.68 -2.25 14.23
C LYS A 28 -21.50 -1.29 14.17
N PHE A 29 -21.13 -0.96 12.93
CA PHE A 29 -20.09 -0.06 12.62
C PHE A 29 -20.75 1.11 11.93
N ILE A 30 -20.70 2.26 12.58
CA ILE A 30 -21.25 3.49 12.08
C ILE A 30 -20.12 4.42 11.69
N VAL A 31 -20.16 4.94 10.48
CA VAL A 31 -19.14 5.83 10.02
C VAL A 31 -19.64 7.23 9.75
N ILE A 32 -18.80 8.21 10.11
CA ILE A 32 -19.04 9.62 9.84
C ILE A 32 -18.10 9.96 8.73
N GLU A 33 -18.64 10.61 7.71
CA GLU A 33 -17.93 11.02 6.53
C GLU A 33 -18.11 12.48 6.20
N GLY A 34 -17.37 12.95 5.22
CA GLY A 34 -17.47 14.34 4.81
C GLY A 34 -16.12 15.03 4.69
N LEU A 35 -16.18 16.20 4.08
CA LEU A 35 -15.05 17.07 3.87
C LEU A 35 -14.63 17.59 5.22
N GLU A 36 -13.39 18.06 5.28
CA GLU A 36 -12.87 18.61 6.51
C GLU A 36 -13.63 19.90 6.69
N GLY A 37 -13.92 20.22 7.93
CA GLY A 37 -14.66 21.43 8.28
C GLY A 37 -16.16 21.18 8.41
N ALA A 38 -16.63 19.95 8.20
CA ALA A 38 -18.05 19.57 8.30
C ALA A 38 -18.53 19.29 9.75
N GLY A 39 -17.62 19.39 10.71
CA GLY A 39 -17.94 19.20 12.12
C GLY A 39 -18.05 17.74 12.47
N LYS A 40 -17.09 16.97 11.97
CA LYS A 40 -17.10 15.55 12.19
C LYS A 40 -17.02 15.17 13.65
N SER A 41 -16.23 15.90 14.43
CA SER A 41 -16.06 15.51 15.83
C SER A 41 -17.34 15.81 16.61
N THR A 42 -18.07 16.84 16.20
CA THR A 42 -19.34 17.08 16.85
C THR A 42 -20.28 15.90 16.52
N ALA A 43 -20.32 15.51 15.25
CA ALA A 43 -21.16 14.39 14.83
C ALA A 43 -20.81 13.06 15.52
N ILE A 44 -19.51 12.79 15.68
CA ILE A 44 -19.09 11.57 16.36
C ILE A 44 -19.66 11.55 17.75
N GLN A 45 -19.49 12.64 18.48
CA GLN A 45 -19.98 12.74 19.83
C GLN A 45 -21.52 12.60 19.88
N VAL A 46 -22.22 13.22 18.94
CA VAL A 46 -23.67 13.08 18.90
C VAL A 46 -24.04 11.62 18.73
N VAL A 47 -23.39 10.95 17.78
CA VAL A 47 -23.65 9.54 17.51
C VAL A 47 -23.39 8.70 18.74
N VAL A 48 -22.29 8.98 19.42
CA VAL A 48 -21.97 8.20 20.63
C VAL A 48 -23.06 8.43 21.71
N GLU A 49 -23.34 9.68 22.04
CA GLU A 49 -24.36 9.95 23.05
C GLU A 49 -25.71 9.31 22.73
N THR A 50 -26.07 9.26 21.46
CA THR A 50 -27.35 8.63 21.07
C THR A 50 -27.34 7.18 21.46
N LEU A 51 -26.27 6.48 21.10
CA LEU A 51 -26.17 5.03 21.42
C LEU A 51 -26.20 4.82 22.94
N GLN A 52 -25.53 5.68 23.72
CA GLN A 52 -25.54 5.59 25.19
C GLN A 52 -26.95 5.74 25.76
N GLN A 53 -27.68 6.76 25.29
CA GLN A 53 -29.06 6.98 25.74
C GLN A 53 -29.84 5.72 25.44
N ASN A 54 -29.41 4.95 24.42
CA ASN A 54 -30.10 3.68 24.07
C ASN A 54 -29.57 2.43 24.72
N GLY A 55 -28.87 2.58 25.84
CA GLY A 55 -28.35 1.44 26.59
C GLY A 55 -27.08 0.78 26.05
N ILE A 56 -26.46 1.40 25.04
CA ILE A 56 -25.22 0.84 24.47
C ILE A 56 -24.06 1.65 25.06
N ASP A 57 -23.35 1.06 26.02
CA ASP A 57 -22.24 1.74 26.72
C ASP A 57 -20.83 1.24 26.30
N HIS A 58 -20.74 0.14 25.56
CA HIS A 58 -19.46 -0.41 25.12
C HIS A 58 -19.23 -0.03 23.64
N ILE A 59 -18.48 1.04 23.42
CA ILE A 59 -18.26 1.57 22.12
C ILE A 59 -16.78 1.87 21.87
N THR A 60 -16.30 1.52 20.69
CA THR A 60 -14.95 1.77 20.26
C THR A 60 -14.95 2.88 19.23
N ARG A 61 -14.07 3.87 19.37
CA ARG A 61 -13.92 4.94 18.39
C ARG A 61 -12.65 4.82 17.56
N THR A 62 -12.74 5.13 16.28
CA THR A 62 -11.57 5.02 15.39
C THR A 62 -11.48 6.17 14.40
N ARG A 63 -10.34 6.28 13.74
CA ARG A 63 -10.19 7.28 12.68
C ARG A 63 -9.32 6.73 11.56
N GLU A 64 -9.53 7.22 10.37
CA GLU A 64 -8.79 6.74 9.24
C GLU A 64 -8.32 7.87 8.40
N PRO A 65 -7.10 7.74 7.83
CA PRO A 65 -6.17 6.62 8.07
C PRO A 65 -5.66 6.72 9.51
N GLY A 66 -5.54 5.59 10.21
CA GLY A 66 -5.06 5.60 11.58
C GLY A 66 -5.70 4.53 12.43
N GLY A 67 -5.60 4.74 13.73
CA GLY A 67 -6.21 3.84 14.68
C GLY A 67 -5.40 2.68 15.18
N THR A 68 -4.19 2.49 14.63
CA THR A 68 -3.19 1.50 15.10
C THR A 68 -1.84 2.19 14.98
N LEU A 69 -0.83 1.68 15.70
CA LEU A 69 0.50 2.28 15.65
C LEU A 69 0.97 2.42 14.18
N LEU A 70 0.90 1.33 13.44
CA LEU A 70 1.33 1.38 12.07
C LEU A 70 0.39 2.27 11.22
N ALA A 71 -0.91 2.16 11.45
CA ALA A 71 -1.83 2.99 10.68
C ALA A 71 -1.53 4.49 10.89
N GLU A 72 -1.21 4.86 12.12
CA GLU A 72 -0.91 6.26 12.46
C GLU A 72 0.38 6.68 11.76
N LYS A 73 1.36 5.79 11.67
CA LYS A 73 2.55 6.13 10.94
C LYS A 73 2.22 6.35 9.45
N LEU A 74 1.33 5.52 8.90
CA LEU A 74 0.94 5.69 7.49
C LEU A 74 0.15 7.04 7.31
N ARG A 75 -0.72 7.37 8.23
CA ARG A 75 -1.39 8.65 8.13
C ARG A 75 -0.35 9.79 7.97
N ALA A 76 0.65 9.83 8.87
CA ALA A 76 1.69 10.87 8.82
C ALA A 76 2.40 10.87 7.46
N LEU A 77 2.73 9.69 6.92
CA LEU A 77 3.33 9.65 5.57
C LEU A 77 2.36 10.29 4.50
N VAL A 78 1.09 10.00 4.59
CA VAL A 78 0.12 10.57 3.64
C VAL A 78 -0.13 12.08 3.77
N LYS A 79 -0.17 12.60 4.99
CA LYS A 79 -0.38 14.05 5.21
C LYS A 79 0.88 14.92 4.94
N GLU A 80 2.08 14.35 5.02
CA GLU A 80 3.32 15.12 4.74
C GLU A 80 3.69 15.21 3.26
N GLU A 81 4.53 16.19 2.93
CA GLU A 81 5.10 16.38 1.60
C GLU A 81 6.38 15.56 1.70
N HIS A 82 6.94 15.12 0.58
CA HIS A 82 8.17 14.31 0.64
C HIS A 82 9.21 15.03 -0.24
N PRO A 83 10.36 15.44 0.34
CA PRO A 83 11.34 16.22 -0.44
C PRO A 83 12.17 15.42 -1.44
N GLY A 84 12.23 15.90 -2.68
CA GLY A 84 12.94 15.22 -3.76
C GLY A 84 12.12 14.01 -4.20
N GLU A 85 10.82 14.08 -3.99
CA GLU A 85 9.97 12.97 -4.34
C GLU A 85 8.50 13.29 -4.51
N GLU A 86 7.98 12.91 -5.67
CA GLU A 86 6.58 13.09 -6.01
C GLU A 86 5.76 11.89 -5.51
N LEU A 87 4.78 12.13 -4.65
CA LEU A 87 3.97 11.04 -4.13
C LEU A 87 2.93 10.69 -5.17
N GLN A 88 3.07 9.54 -5.81
CA GLN A 88 2.15 9.15 -6.86
C GLN A 88 0.76 8.88 -6.32
N ASP A 89 -0.24 9.14 -7.16
CA ASP A 89 -1.63 8.90 -6.75
C ASP A 89 -1.82 7.44 -6.39
N ILE A 90 -1.37 6.50 -7.21
CA ILE A 90 -1.60 5.11 -6.81
C ILE A 90 -0.96 4.84 -5.44
N THR A 91 0.25 5.37 -5.23
CA THR A 91 0.91 5.17 -3.93
C THR A 91 0.01 5.63 -2.81
N GLU A 92 -0.50 6.84 -2.94
CA GLU A 92 -1.43 7.40 -1.98
C GLU A 92 -2.54 6.43 -1.67
N LEU A 93 -3.17 5.87 -2.70
CA LEU A 93 -4.28 4.91 -2.50
C LEU A 93 -3.81 3.63 -1.79
N LEU A 94 -2.63 3.15 -2.18
CA LEU A 94 -2.10 1.93 -1.59
C LEU A 94 -1.90 2.17 -0.10
N LEU A 95 -1.39 3.33 0.25
CA LEU A 95 -1.11 3.64 1.64
C LEU A 95 -2.36 3.80 2.54
N VAL A 96 -3.40 4.47 2.03
CA VAL A 96 -4.59 4.61 2.80
C VAL A 96 -5.18 3.23 2.92
N TYR A 97 -5.02 2.38 1.91
CA TYR A 97 -5.59 1.04 2.02
C TYR A 97 -4.87 0.15 3.02
N ALA A 98 -3.54 0.22 3.01
CA ALA A 98 -2.69 -0.52 3.95
C ALA A 98 -3.13 -0.08 5.35
N ALA A 99 -3.26 1.20 5.57
CA ALA A 99 -3.73 1.64 6.89
C ALA A 99 -5.15 1.11 7.17
N ARG A 100 -5.98 1.05 6.14
CA ARG A 100 -7.37 0.58 6.37
C ARG A 100 -7.43 -0.86 6.79
N VAL A 101 -6.62 -1.70 6.14
CA VAL A 101 -6.57 -3.12 6.44
C VAL A 101 -6.15 -3.38 7.87
N GLN A 102 -5.20 -2.60 8.37
CA GLN A 102 -4.71 -2.76 9.73
C GLN A 102 -5.82 -2.48 10.72
N LEU A 103 -6.57 -1.40 10.47
CA LEU A 103 -7.61 -1.02 11.37
C LEU A 103 -8.75 -2.04 11.36
N VAL A 104 -9.21 -2.39 10.17
CA VAL A 104 -10.31 -3.31 10.04
C VAL A 104 -9.97 -4.65 10.67
N GLU A 105 -8.79 -5.21 10.37
CA GLU A 105 -8.46 -6.50 10.92
C GLU A 105 -8.08 -6.52 12.39
N ASN A 106 -7.46 -5.47 12.88
CA ASN A 106 -6.99 -5.51 14.30
C ASN A 106 -7.92 -4.84 15.31
N VAL A 107 -8.74 -3.93 14.86
CA VAL A 107 -9.59 -3.21 15.76
C VAL A 107 -11.04 -3.32 15.45
N ILE A 108 -11.43 -3.08 14.21
CA ILE A 108 -12.88 -3.02 13.90
C ILE A 108 -13.55 -4.36 13.91
N LYS A 109 -13.09 -5.29 13.09
CA LYS A 109 -13.69 -6.62 13.09
C LYS A 109 -13.71 -7.31 14.44
N PRO A 110 -12.61 -7.23 15.22
CA PRO A 110 -12.68 -7.89 16.56
C PRO A 110 -13.66 -7.23 17.53
N ALA A 111 -13.81 -5.91 17.46
CA ALA A 111 -14.76 -5.20 18.32
C ALA A 111 -16.15 -5.67 17.94
N LEU A 112 -16.47 -5.65 16.64
CA LEU A 112 -17.82 -6.08 16.25
C LEU A 112 -18.09 -7.53 16.67
N ALA A 113 -17.11 -8.41 16.54
CA ALA A 113 -17.22 -9.84 16.92
C ALA A 113 -17.48 -10.01 18.43
N ARG A 114 -16.98 -9.07 19.23
CA ARG A 114 -17.22 -9.13 20.68
C ARG A 114 -18.49 -8.42 21.13
N GLY A 115 -19.31 -7.91 20.21
CA GLY A 115 -20.54 -7.17 20.59
C GLY A 115 -20.29 -5.67 20.87
N GLU A 116 -19.09 -5.14 20.54
CA GLU A 116 -18.85 -3.71 20.70
C GLU A 116 -19.14 -3.00 19.45
N TRP A 117 -19.80 -1.86 19.57
CA TRP A 117 -20.12 -1.07 18.42
C TRP A 117 -18.90 -0.22 18.11
N VAL A 118 -18.73 0.14 16.85
CA VAL A 118 -17.63 0.97 16.44
C VAL A 118 -18.12 2.22 15.72
N VAL A 119 -17.63 3.37 16.17
CA VAL A 119 -17.96 4.63 15.56
C VAL A 119 -16.64 5.19 14.97
N GLY A 120 -16.59 5.30 13.65
CA GLY A 120 -15.41 5.76 12.96
C GLY A 120 -15.46 7.09 12.23
N ASP A 121 -14.32 7.77 12.22
CA ASP A 121 -14.10 9.05 11.57
C ASP A 121 -13.41 8.66 10.26
N ARG A 122 -14.23 8.56 9.22
CA ARG A 122 -13.91 8.14 7.86
C ARG A 122 -13.68 6.63 7.71
N HIS A 123 -13.96 6.15 6.50
CA HIS A 123 -13.75 4.76 6.14
C HIS A 123 -13.57 4.78 4.64
N ASP A 124 -13.93 3.71 3.96
CA ASP A 124 -13.70 3.59 2.54
C ASP A 124 -14.36 4.64 1.70
N MET A 125 -15.45 5.24 2.20
CA MET A 125 -16.13 6.25 1.36
C MET A 125 -15.16 7.41 1.07
N SER A 126 -14.23 7.66 2.02
CA SER A 126 -13.24 8.71 1.77
C SER A 126 -12.33 8.40 0.59
N SER A 127 -11.90 7.16 0.40
CA SER A 127 -11.06 6.84 -0.76
C SER A 127 -11.81 7.02 -2.08
N GLN A 128 -13.10 6.67 -2.07
CA GLN A 128 -13.92 6.83 -3.26
C GLN A 128 -14.01 8.31 -3.65
N ALA A 129 -14.23 9.17 -2.67
CA ALA A 129 -14.37 10.60 -2.93
C ALA A 129 -13.02 11.31 -3.19
N TYR A 130 -12.08 11.13 -2.28
CA TYR A 130 -10.74 11.77 -2.39
C TYR A 130 -9.87 11.16 -3.49
N GLN A 131 -9.66 9.85 -3.46
CA GLN A 131 -8.85 9.20 -4.51
C GLN A 131 -9.60 8.93 -5.82
N GLY A 132 -10.85 8.53 -5.73
CA GLY A 132 -11.66 8.28 -6.92
C GLY A 132 -12.06 9.61 -7.57
N GLY A 133 -12.84 10.40 -6.84
CA GLY A 133 -13.32 11.67 -7.38
C GLY A 133 -12.21 12.69 -7.54
N GLY A 134 -11.54 13.01 -6.44
CA GLY A 134 -10.45 13.99 -6.45
C GLY A 134 -9.26 13.69 -7.35
N ARG A 135 -8.63 12.51 -7.22
CA ARG A 135 -7.44 12.15 -8.04
C ARG A 135 -7.78 11.64 -9.43
N GLN A 136 -9.04 11.27 -9.62
CA GLN A 136 -9.56 10.76 -10.89
C GLN A 136 -8.95 9.40 -11.23
N ILE A 137 -8.72 8.59 -10.21
CA ILE A 137 -8.18 7.25 -10.44
C ILE A 137 -9.30 6.42 -11.08
N ALA A 138 -8.97 5.62 -12.09
CA ALA A 138 -9.95 4.80 -12.76
C ALA A 138 -10.90 4.07 -11.76
N PRO A 139 -12.21 4.08 -12.04
CA PRO A 139 -13.10 3.35 -11.14
C PRO A 139 -12.80 1.86 -11.06
N SER A 140 -12.29 1.28 -12.15
CA SER A 140 -12.00 -0.15 -12.16
C SER A 140 -10.88 -0.47 -11.16
N THR A 141 -9.91 0.45 -11.07
CA THR A 141 -8.81 0.32 -10.13
C THR A 141 -9.36 0.43 -8.72
N MET A 142 -10.23 1.42 -8.51
CA MET A 142 -10.85 1.58 -7.20
C MET A 142 -11.52 0.25 -6.81
N GLN A 143 -12.42 -0.21 -7.63
CA GLN A 143 -13.15 -1.46 -7.38
C GLN A 143 -12.30 -2.70 -7.05
N SER A 144 -11.25 -2.95 -7.83
CA SER A 144 -10.45 -4.16 -7.58
C SER A 144 -9.56 -4.06 -6.34
N LEU A 145 -9.09 -2.86 -6.02
CA LEU A 145 -8.26 -2.67 -4.86
C LEU A 145 -9.19 -2.76 -3.64
N LYS A 146 -10.37 -2.19 -3.71
CA LYS A 146 -11.33 -2.35 -2.59
C LYS A 146 -11.60 -3.86 -2.40
N GLN A 147 -11.75 -4.58 -3.50
CA GLN A 147 -11.96 -6.00 -3.44
C GLN A 147 -10.77 -6.71 -2.72
N THR A 148 -9.55 -6.55 -3.22
CA THR A 148 -8.37 -7.18 -2.60
C THR A 148 -8.16 -6.82 -1.11
N ALA A 149 -8.33 -5.55 -0.74
CA ALA A 149 -8.12 -5.15 0.65
C ALA A 149 -9.29 -5.45 1.61
N LEU A 150 -10.51 -5.24 1.16
CA LEU A 150 -11.61 -5.41 2.06
C LEU A 150 -12.56 -6.53 1.72
N GLY A 151 -12.43 -7.12 0.54
CA GLY A 151 -13.40 -8.15 0.15
C GLY A 151 -14.78 -7.50 0.19
N ASP A 152 -15.69 -8.06 0.98
CA ASP A 152 -17.07 -7.56 1.10
C ASP A 152 -17.36 -6.63 2.29
N PHE A 153 -16.42 -6.49 3.24
CA PHE A 153 -16.63 -5.66 4.44
C PHE A 153 -17.09 -4.23 4.15
N LYS A 154 -18.14 -3.80 4.84
CA LYS A 154 -18.70 -2.47 4.65
C LYS A 154 -19.36 -1.98 5.95
N PRO A 155 -19.44 -0.68 6.13
CA PRO A 155 -20.09 -0.13 7.31
C PRO A 155 -21.60 -0.49 7.37
N ASP A 156 -22.23 -0.45 8.54
CA ASP A 156 -23.70 -0.72 8.59
C ASP A 156 -24.50 0.59 8.43
N LEU A 157 -23.95 1.73 8.86
CA LEU A 157 -24.63 3.03 8.71
C LEU A 157 -23.56 4.10 8.58
N THR A 158 -23.69 4.91 7.54
CA THR A 158 -22.80 6.02 7.33
C THR A 158 -23.59 7.33 7.36
N LEU A 159 -23.08 8.36 8.04
CA LEU A 159 -23.67 9.68 8.05
C LEU A 159 -22.68 10.55 7.32
N TYR A 160 -23.07 10.98 6.13
CA TYR A 160 -22.29 11.86 5.33
C TYR A 160 -22.74 13.29 5.60
N LEU A 161 -21.86 14.06 6.25
CA LEU A 161 -22.06 15.45 6.58
C LEU A 161 -21.60 16.25 5.34
N ASP A 162 -22.58 16.71 4.55
CA ASP A 162 -22.37 17.42 3.31
C ASP A 162 -22.22 18.90 3.51
N ILE A 163 -21.16 19.48 2.94
CA ILE A 163 -20.96 20.92 3.05
C ILE A 163 -20.25 21.48 1.83
N ASP A 164 -20.52 22.75 1.58
CA ASP A 164 -19.91 23.49 0.49
C ASP A 164 -18.41 23.49 0.75
N PRO A 165 -17.59 23.17 -0.26
CA PRO A 165 -16.13 23.13 -0.08
C PRO A 165 -15.47 24.38 0.52
N LYS A 166 -15.79 25.57 0.02
CA LYS A 166 -15.21 26.77 0.58
C LYS A 166 -15.70 26.94 2.02
N LEU A 167 -16.99 26.75 2.29
CA LEU A 167 -17.48 26.90 3.66
C LEU A 167 -16.65 25.95 4.56
N GLY A 168 -16.51 24.71 4.12
CA GLY A 168 -15.72 23.70 4.85
C GLY A 168 -14.25 24.04 5.10
N LEU A 169 -13.53 24.54 4.10
CA LEU A 169 -12.12 24.92 4.33
C LEU A 169 -12.03 26.09 5.30
N GLU A 170 -13.04 26.96 5.27
CA GLU A 170 -13.05 28.13 6.13
C GLU A 170 -13.56 27.84 7.56
N ARG A 171 -14.07 26.62 7.78
CA ARG A 171 -14.45 26.16 9.13
C ARG A 171 -13.35 25.29 9.74
N ALA A 172 -12.43 24.80 8.89
CA ALA A 172 -11.33 23.93 9.33
C ALA A 172 -10.18 24.77 9.84
N ARG A 173 -10.24 26.08 9.58
CA ARG A 173 -9.23 27.02 10.05
C ARG A 173 -8.98 26.77 11.56
N GLY A 174 -7.78 27.12 12.01
CA GLY A 174 -7.35 26.89 13.37
C GLY A 174 -6.90 25.45 13.50
N GLU A 177 -2.72 23.96 10.24
CA GLU A 177 -1.88 23.95 9.03
C GLU A 177 -2.41 22.95 7.98
N LEU A 178 -2.54 23.40 6.73
CA LEU A 178 -3.05 22.55 5.63
C LEU A 178 -2.09 21.40 5.27
N ASP A 179 -2.57 20.16 5.33
CA ASP A 179 -1.71 19.01 4.99
C ASP A 179 -1.58 18.89 3.45
N ARG A 180 -0.82 17.93 2.95
CA ARG A 180 -0.60 17.77 1.51
C ARG A 180 -1.90 17.72 0.69
N ILE A 181 -2.91 17.02 1.20
CA ILE A 181 -4.19 16.97 0.50
C ILE A 181 -4.98 18.33 0.60
N GLU A 182 -4.95 18.95 1.77
CA GLU A 182 -5.66 20.23 2.00
C GLU A 182 -5.04 21.39 1.23
N LYS A 183 -3.91 21.17 0.55
CA LYS A 183 -3.28 22.21 -0.28
C LYS A 183 -3.72 22.15 -1.75
N MET A 184 -4.51 21.13 -2.09
CA MET A 184 -5.07 20.97 -3.44
C MET A 184 -6.05 22.11 -3.79
N ASP A 185 -6.22 22.38 -5.08
CA ASP A 185 -7.12 23.43 -5.51
C ASP A 185 -8.58 23.06 -5.21
N ILE A 186 -9.46 24.05 -5.27
CA ILE A 186 -10.87 23.88 -4.95
C ILE A 186 -11.58 22.80 -5.78
N SER A 187 -11.35 22.75 -7.09
CA SER A 187 -12.00 21.76 -7.93
C SER A 187 -11.81 20.33 -7.42
N PHE A 188 -10.69 20.09 -6.74
CA PHE A 188 -10.40 18.79 -6.18
C PHE A 188 -11.45 18.37 -5.15
N PHE A 189 -11.84 19.34 -4.34
CA PHE A 189 -12.81 19.11 -3.30
C PHE A 189 -14.19 19.02 -3.90
N GLU A 190 -14.43 19.76 -4.97
CA GLU A 190 -15.72 19.72 -5.67
C GLU A 190 -15.98 18.32 -6.24
N ARG A 191 -14.99 17.73 -6.91
CA ARG A 191 -15.13 16.36 -7.42
C ARG A 191 -15.28 15.37 -6.25
N ALA A 192 -14.58 15.63 -5.15
CA ALA A 192 -14.71 14.77 -3.96
C ALA A 192 -16.19 14.84 -3.49
N ARG A 193 -16.68 16.06 -3.41
CA ARG A 193 -18.05 16.28 -3.00
C ARG A 193 -19.08 15.56 -3.92
N GLU A 194 -18.96 15.76 -5.23
CA GLU A 194 -19.85 15.13 -6.24
C GLU A 194 -19.90 13.60 -6.07
N ARG A 195 -18.74 12.95 -5.92
CA ARG A 195 -18.72 11.51 -5.72
C ARG A 195 -19.37 11.21 -4.37
N TYR A 196 -19.05 11.98 -3.32
CA TYR A 196 -19.73 11.74 -2.05
C TYR A 196 -21.25 11.75 -2.31
N LEU A 197 -21.74 12.72 -3.08
CA LEU A 197 -23.18 12.81 -3.37
C LEU A 197 -23.72 11.62 -4.19
N GLU A 198 -22.97 11.14 -5.20
CA GLU A 198 -23.41 9.98 -6.03
C GLU A 198 -23.56 8.73 -5.19
N LEU A 199 -22.65 8.55 -4.23
CA LEU A 199 -22.70 7.39 -3.37
C LEU A 199 -23.83 7.49 -2.34
N ALA A 200 -23.98 8.66 -1.71
CA ALA A 200 -25.04 8.90 -0.71
C ALA A 200 -26.48 8.67 -1.24
N ASN A 201 -26.76 9.06 -2.47
N ASN A 201 -26.74 9.08 -2.48
CA ASN A 201 -28.10 8.85 -3.02
CA ASN A 201 -28.05 8.91 -3.10
C ASN A 201 -28.32 7.41 -3.50
C ASN A 201 -28.31 7.46 -3.54
N SER A 202 -27.27 6.76 -3.99
CA SER A 202 -27.43 5.39 -4.48
C SER A 202 -27.35 4.30 -3.41
N ASP A 203 -26.99 4.65 -2.18
CA ASP A 203 -26.86 3.69 -1.11
C ASP A 203 -27.81 3.97 0.07
N ASP A 204 -28.74 3.05 0.32
CA ASP A 204 -29.71 3.19 1.42
C ASP A 204 -29.05 3.15 2.83
N SER A 205 -27.84 2.59 2.92
CA SER A 205 -27.16 2.58 4.22
C SER A 205 -26.41 3.91 4.45
N VAL A 206 -26.55 4.86 3.51
CA VAL A 206 -25.96 6.18 3.67
C VAL A 206 -27.02 7.26 3.79
N VAL A 207 -26.94 8.06 4.84
CA VAL A 207 -27.87 9.14 5.06
C VAL A 207 -27.11 10.42 5.07
N MET A 208 -27.66 11.41 4.41
CA MET A 208 -27.01 12.67 4.30
C MET A 208 -27.52 13.71 5.28
N ILE A 209 -26.57 14.46 5.85
CA ILE A 209 -26.86 15.51 6.80
C ILE A 209 -26.37 16.81 6.22
N ASP A 210 -27.21 17.85 6.26
CA ASP A 210 -26.81 19.15 5.77
C ASP A 210 -25.97 19.70 6.90
N ALA A 211 -24.66 19.82 6.67
CA ALA A 211 -23.76 20.27 7.73
C ALA A 211 -23.60 21.78 7.83
N ALA A 212 -24.09 22.55 6.86
CA ALA A 212 -23.99 24.03 6.91
C ALA A 212 -25.07 24.71 7.76
N GLN A 213 -25.75 23.95 8.61
CA GLN A 213 -26.74 24.49 9.52
C GLN A 213 -26.01 24.76 10.81
N SER A 214 -26.74 25.24 11.81
CA SER A 214 -26.21 25.51 13.15
C SER A 214 -26.06 24.22 13.99
N ILE A 215 -25.21 24.30 14.99
CA ILE A 215 -24.94 23.18 15.87
C ILE A 215 -26.20 22.46 16.42
N GLU A 216 -27.24 23.21 16.81
CA GLU A 216 -28.47 22.59 17.34
C GLU A 216 -29.19 21.74 16.30
N GLN A 217 -29.10 22.20 15.07
CA GLN A 217 -29.76 21.54 13.97
C GLN A 217 -29.01 20.38 13.36
N VAL A 218 -27.67 20.48 13.28
CA VAL A 218 -26.91 19.37 12.72
C VAL A 218 -27.13 18.23 13.71
N THR A 219 -27.04 18.59 14.98
CA THR A 219 -27.21 17.69 16.07
C THR A 219 -28.56 17.01 16.04
N ALA A 220 -29.60 17.76 15.73
CA ALA A 220 -30.97 17.23 15.72
C ALA A 220 -31.16 16.24 14.59
N ASP A 221 -30.62 16.56 13.40
CA ASP A 221 -30.73 15.70 12.25
C ASP A 221 -29.92 14.43 12.41
N ILE A 222 -28.79 14.49 13.09
CA ILE A 222 -27.97 13.26 13.28
C ILE A 222 -28.67 12.33 14.27
N ARG A 223 -29.07 12.96 15.39
CA ARG A 223 -29.71 12.29 16.50
C ARG A 223 -31.04 11.70 16.04
N ARG A 224 -31.71 12.37 15.10
CA ARG A 224 -32.99 11.87 14.54
C ARG A 224 -32.75 10.78 13.46
N ALA A 225 -31.75 10.92 12.58
CA ALA A 225 -31.53 9.88 11.56
C ALA A 225 -31.02 8.56 12.17
N LEU A 226 -30.32 8.67 13.29
CA LEU A 226 -29.78 7.49 13.97
C LEU A 226 -30.85 6.78 14.84
N GLN A 227 -31.64 7.54 15.61
CA GLN A 227 -32.67 6.95 16.50
C GLN A 227 -33.59 6.18 15.57
N ASP A 228 -33.96 6.88 14.51
CA ASP A 228 -34.73 6.35 13.42
C ASP A 228 -34.18 5.03 12.91
N TRP A 229 -32.90 5.04 12.52
CA TRP A 229 -32.21 3.87 11.95
C TRP A 229 -32.18 2.71 12.91
N LEU A 230 -31.94 3.00 14.18
CA LEU A 230 -31.91 1.96 15.22
C LEU A 230 -33.25 1.22 15.30
N SER A 231 -34.35 1.97 15.39
CA SER A 231 -35.73 1.40 15.50
C SER A 231 -36.10 0.53 14.32
N GLN A 232 -35.47 0.73 13.18
CA GLN A 232 -35.75 -0.06 11.99
C GLN A 232 -35.32 -1.52 12.13
N ASN B 26 20.18 2.19 -26.14
CA ASN B 26 18.91 1.64 -25.60
C ASN B 26 19.07 1.16 -24.17
N ALA B 27 18.69 2.01 -23.21
CA ALA B 27 18.83 1.74 -21.78
C ALA B 27 18.03 0.51 -21.36
N LYS B 28 18.61 -0.31 -20.48
CA LYS B 28 17.95 -1.52 -20.01
C LYS B 28 17.86 -1.53 -18.50
N PHE B 29 16.92 -2.31 -17.97
CA PHE B 29 16.75 -2.45 -16.53
C PHE B 29 17.01 -3.92 -16.18
N ILE B 30 18.10 -4.15 -15.45
CA ILE B 30 18.52 -5.47 -15.06
C ILE B 30 18.31 -5.63 -13.59
N VAL B 31 17.67 -6.73 -13.22
CA VAL B 31 17.37 -7.02 -11.83
C VAL B 31 18.07 -8.27 -11.32
N ILE B 32 18.57 -8.20 -10.10
CA ILE B 32 19.17 -9.36 -9.46
C ILE B 32 18.19 -9.84 -8.41
N GLU B 33 17.85 -11.13 -8.48
CA GLU B 33 16.90 -11.72 -7.54
C GLU B 33 17.48 -12.92 -6.83
N GLY B 34 16.80 -13.32 -5.74
CA GLY B 34 17.21 -14.49 -4.94
C GLY B 34 16.78 -14.33 -3.48
N LEU B 35 16.75 -15.44 -2.76
CA LEU B 35 16.45 -15.40 -1.35
C LEU B 35 17.55 -14.57 -0.72
N GLU B 36 17.27 -13.97 0.44
CA GLU B 36 18.28 -13.15 1.06
C GLU B 36 19.38 -14.11 1.43
N GLY B 37 20.62 -13.68 1.21
CA GLY B 37 21.78 -14.49 1.53
C GLY B 37 22.30 -15.21 0.30
N ALA B 38 21.63 -15.04 -0.85
CA ALA B 38 22.08 -15.69 -2.08
C ALA B 38 23.28 -14.95 -2.63
N GLY B 39 23.53 -13.70 -2.22
CA GLY B 39 24.73 -12.93 -2.67
C GLY B 39 24.42 -11.87 -3.73
N LYS B 40 23.36 -11.13 -3.50
CA LYS B 40 22.89 -10.13 -4.42
C LYS B 40 23.78 -8.90 -4.58
N SER B 41 24.21 -8.32 -3.46
CA SER B 41 25.08 -7.11 -3.50
C SER B 41 26.33 -7.28 -4.40
N THR B 42 27.05 -8.39 -4.21
CA THR B 42 28.26 -8.65 -5.00
C THR B 42 27.98 -9.05 -6.46
N ALA B 43 26.75 -9.45 -6.77
CA ALA B 43 26.38 -9.82 -8.13
C ALA B 43 26.09 -8.55 -8.94
N ILE B 44 25.56 -7.53 -8.25
CA ILE B 44 25.29 -6.25 -8.87
C ILE B 44 26.65 -5.65 -9.25
N GLN B 45 27.61 -5.71 -8.31
CA GLN B 45 28.96 -5.25 -8.65
C GLN B 45 29.46 -5.91 -9.91
N VAL B 46 29.43 -7.23 -9.98
CA VAL B 46 29.85 -7.94 -11.18
C VAL B 46 29.11 -7.43 -12.42
N VAL B 47 27.79 -7.24 -12.30
CA VAL B 47 26.97 -6.74 -13.39
C VAL B 47 27.39 -5.33 -13.77
N VAL B 48 27.61 -4.50 -12.76
CA VAL B 48 28.00 -3.12 -13.00
C VAL B 48 29.34 -3.05 -13.74
N GLU B 49 30.35 -3.75 -13.24
CA GLU B 49 31.69 -3.80 -13.87
C GLU B 49 31.62 -4.38 -15.28
N THR B 50 30.79 -5.41 -15.49
CA THR B 50 30.66 -6.03 -16.82
C THR B 50 30.08 -5.03 -17.82
N LEU B 51 29.05 -4.30 -17.39
CA LEU B 51 28.44 -3.30 -18.25
C LEU B 51 29.44 -2.21 -18.55
N GLN B 52 30.27 -1.90 -17.55
CA GLN B 52 31.31 -0.88 -17.72
C GLN B 52 32.40 -1.30 -18.73
N GLN B 53 32.60 -2.60 -18.93
CA GLN B 53 33.63 -3.07 -19.88
C GLN B 53 33.07 -3.04 -21.29
N ASN B 54 31.76 -3.23 -21.42
CA ASN B 54 31.11 -3.21 -22.72
C ASN B 54 30.70 -1.80 -23.13
N GLY B 55 31.31 -0.78 -22.52
CA GLY B 55 31.04 0.59 -22.86
C GLY B 55 29.72 1.19 -22.41
N ILE B 56 29.14 0.67 -21.32
CA ILE B 56 27.93 1.28 -20.82
C ILE B 56 28.39 2.21 -19.70
N ASP B 57 28.34 3.50 -20.03
CA ASP B 57 28.82 4.62 -19.25
C ASP B 57 28.07 4.95 -17.94
N HIS B 58 26.76 5.19 -18.03
CA HIS B 58 25.97 5.63 -16.90
C HIS B 58 25.01 4.59 -16.35
N ILE B 59 25.15 4.25 -15.08
CA ILE B 59 24.30 3.23 -14.49
C ILE B 59 23.78 3.67 -13.14
N THR B 60 22.49 3.46 -12.90
CA THR B 60 21.86 3.76 -11.61
C THR B 60 21.63 2.47 -10.84
N ARG B 61 21.98 2.46 -9.55
CA ARG B 61 21.79 1.29 -8.69
C ARG B 61 20.58 1.48 -7.77
N THR B 62 19.75 0.46 -7.62
CA THR B 62 18.57 0.57 -6.75
C THR B 62 18.32 -0.70 -5.99
N ARG B 63 17.58 -0.58 -4.91
CA ARG B 63 17.25 -1.75 -4.15
C ARG B 63 15.78 -1.61 -3.76
N GLU B 64 15.09 -2.73 -3.56
CA GLU B 64 13.69 -2.68 -3.12
C GLU B 64 13.35 -3.57 -1.90
N PRO B 65 12.37 -3.13 -1.08
CA PRO B 65 11.74 -1.88 -1.24
C PRO B 65 12.79 -0.85 -0.85
N GLY B 66 12.69 0.33 -1.44
CA GLY B 66 13.60 1.39 -1.08
C GLY B 66 13.93 2.21 -2.29
N GLY B 67 15.11 2.87 -2.22
CA GLY B 67 15.56 3.68 -3.32
C GLY B 67 15.02 5.10 -3.39
N THR B 68 14.10 5.50 -2.49
CA THR B 68 13.67 6.92 -2.38
C THR B 68 13.46 7.18 -0.92
N LEU B 69 13.36 8.44 -0.50
CA LEU B 69 13.15 8.70 0.91
C LEU B 69 11.86 8.01 1.39
N LEU B 70 10.77 8.11 0.64
CA LEU B 70 9.49 7.45 1.08
C LEU B 70 9.62 5.92 1.07
N ALA B 71 10.26 5.39 0.03
CA ALA B 71 10.45 3.93 -0.14
C ALA B 71 11.23 3.37 0.99
N GLU B 72 12.25 4.12 1.44
CA GLU B 72 13.09 3.68 2.55
C GLU B 72 12.26 3.64 3.85
N LYS B 73 11.44 4.66 4.06
CA LYS B 73 10.61 4.63 5.26
C LYS B 73 9.69 3.43 5.16
N LEU B 74 9.26 3.06 3.95
CA LEU B 74 8.36 1.91 3.80
C LEU B 74 9.11 0.61 4.08
N ARG B 75 10.35 0.54 3.61
CA ARG B 75 11.23 -0.61 3.90
C ARG B 75 11.36 -0.90 5.40
N ALA B 76 11.63 0.14 6.21
CA ALA B 76 11.75 0.01 7.67
C ALA B 76 10.43 -0.50 8.25
N LEU B 77 9.29 0.07 7.83
CA LEU B 77 8.01 -0.43 8.31
C LEU B 77 7.81 -1.91 7.99
N VAL B 78 8.23 -2.33 6.78
CA VAL B 78 8.12 -3.75 6.39
C VAL B 78 9.16 -4.65 7.12
N LYS B 79 10.39 -4.18 7.28
CA LYS B 79 11.45 -4.98 7.91
C LYS B 79 11.35 -5.09 9.43
N GLU B 80 10.84 -4.03 10.06
CA GLU B 80 10.70 -3.99 11.51
C GLU B 80 9.59 -4.84 12.05
N GLU B 81 9.72 -5.17 13.32
CA GLU B 81 8.69 -5.91 14.05
C GLU B 81 7.61 -4.88 14.36
N HIS B 82 6.50 -5.32 14.92
CA HIS B 82 5.45 -4.39 15.25
C HIS B 82 4.72 -4.83 16.54
N PRO B 83 5.46 -4.96 17.66
CA PRO B 83 4.65 -5.32 18.83
C PRO B 83 3.49 -4.32 18.95
N GLY B 84 2.35 -4.80 19.45
CA GLY B 84 1.13 -4.00 19.59
C GLY B 84 0.04 -4.43 18.62
N GLU B 85 0.46 -4.85 17.42
CA GLU B 85 -0.47 -5.27 16.38
C GLU B 85 0.19 -6.24 15.41
N GLU B 86 -0.66 -7.02 14.77
CA GLU B 86 -0.30 -7.97 13.77
C GLU B 86 -0.29 -7.26 12.42
N LEU B 87 0.79 -7.45 11.64
CA LEU B 87 0.92 -6.89 10.30
C LEU B 87 0.33 -7.94 9.36
N GLN B 88 -0.78 -7.61 8.74
CA GLN B 88 -1.51 -8.54 7.85
C GLN B 88 -0.76 -8.75 6.56
N ASP B 89 -0.91 -9.92 5.98
CA ASP B 89 -0.22 -10.22 4.72
C ASP B 89 -0.59 -9.22 3.62
N ILE B 90 -1.87 -8.86 3.50
CA ILE B 90 -2.29 -7.88 2.46
C ILE B 90 -1.64 -6.51 2.68
N THR B 91 -1.46 -6.12 3.94
CA THR B 91 -0.83 -4.82 4.26
C THR B 91 0.59 -4.86 3.76
N GLU B 92 1.28 -5.95 4.06
CA GLU B 92 2.68 -6.13 3.61
C GLU B 92 2.78 -6.01 2.07
N LEU B 93 1.86 -6.67 1.38
CA LEU B 93 1.84 -6.63 -0.08
C LEU B 93 1.69 -5.20 -0.57
N LEU B 94 0.69 -4.50 -0.03
CA LEU B 94 0.41 -3.12 -0.42
C LEU B 94 1.58 -2.17 -0.11
N LEU B 95 2.30 -2.40 0.98
CA LEU B 95 3.48 -1.58 1.34
C LEU B 95 4.67 -1.81 0.38
N VAL B 96 4.96 -3.04 -0.02
CA VAL B 96 6.07 -3.25 -1.00
C VAL B 96 5.68 -2.70 -2.39
N TYR B 97 4.42 -2.81 -2.79
CA TYR B 97 4.01 -2.18 -4.07
C TYR B 97 4.02 -0.64 -4.00
N ALA B 98 3.69 -0.09 -2.83
CA ALA B 98 3.70 1.36 -2.63
C ALA B 98 5.13 1.83 -2.79
N ALA B 99 6.05 1.12 -2.17
CA ALA B 99 7.46 1.46 -2.29
C ALA B 99 7.92 1.34 -3.76
N ARG B 100 7.39 0.32 -4.45
CA ARG B 100 7.74 0.05 -5.83
C ARG B 100 7.24 1.10 -6.76
N VAL B 101 5.97 1.52 -6.63
CA VAL B 101 5.44 2.55 -7.50
C VAL B 101 6.32 3.80 -7.41
N GLN B 102 6.71 4.19 -6.20
CA GLN B 102 7.56 5.39 -6.01
C GLN B 102 8.90 5.28 -6.74
N LEU B 103 9.55 4.12 -6.60
CA LEU B 103 10.83 3.91 -7.19
C LEU B 103 10.75 3.88 -8.68
N VAL B 104 9.79 3.15 -9.22
CA VAL B 104 9.64 3.04 -10.67
C VAL B 104 9.33 4.36 -11.35
N GLU B 105 8.46 5.16 -10.73
CA GLU B 105 8.03 6.40 -11.34
C GLU B 105 9.00 7.56 -11.16
N ASN B 106 9.66 7.63 -10.02
CA ASN B 106 10.58 8.72 -9.79
C ASN B 106 12.02 8.39 -10.14
N VAL B 107 12.40 7.12 -10.18
CA VAL B 107 13.81 6.81 -10.44
C VAL B 107 14.12 5.92 -11.61
N ILE B 108 13.39 4.84 -11.79
CA ILE B 108 13.73 3.91 -12.87
C ILE B 108 13.38 4.48 -14.21
N LYS B 109 12.11 4.68 -14.47
CA LYS B 109 11.68 5.27 -15.73
C LYS B 109 12.38 6.59 -16.02
N PRO B 110 12.53 7.50 -15.04
CA PRO B 110 13.23 8.70 -15.50
C PRO B 110 14.66 8.44 -15.93
N ALA B 111 15.37 7.56 -15.22
CA ALA B 111 16.76 7.24 -15.55
C ALA B 111 16.85 6.54 -16.91
N LEU B 112 15.87 5.70 -17.22
CA LEU B 112 15.90 4.98 -18.51
C LEU B 112 15.68 5.96 -19.61
N ALA B 113 14.80 6.93 -19.38
CA ALA B 113 14.53 7.96 -20.36
C ALA B 113 15.78 8.81 -20.67
N ARG B 114 16.68 8.94 -19.70
CA ARG B 114 17.89 9.73 -19.88
C ARG B 114 19.02 8.96 -20.61
N GLY B 115 18.76 7.68 -20.93
CA GLY B 115 19.75 6.84 -21.60
C GLY B 115 20.55 6.02 -20.61
N GLU B 116 20.14 6.01 -19.33
CA GLU B 116 20.86 5.27 -18.30
C GLU B 116 20.29 3.89 -18.00
N TRP B 117 21.20 2.96 -17.80
CA TRP B 117 20.89 1.59 -17.48
C TRP B 117 20.66 1.51 -15.98
N VAL B 118 19.81 0.59 -15.55
CA VAL B 118 19.52 0.46 -14.16
C VAL B 118 19.73 -0.97 -13.68
N VAL B 119 20.41 -1.11 -12.55
CA VAL B 119 20.62 -2.42 -11.99
C VAL B 119 20.07 -2.41 -10.61
N GLY B 120 19.00 -3.17 -10.40
CA GLY B 120 18.30 -3.19 -9.10
C GLY B 120 18.39 -4.47 -8.31
N ASP B 121 18.45 -4.34 -6.98
CA ASP B 121 18.49 -5.45 -5.99
C ASP B 121 17.01 -5.71 -5.61
N ARG B 122 16.38 -6.65 -6.33
CA ARG B 122 14.97 -7.04 -6.16
C ARG B 122 13.98 -6.20 -6.94
N HIS B 123 12.93 -6.82 -7.40
CA HIS B 123 11.87 -6.08 -8.10
C HIS B 123 10.56 -6.90 -7.92
N ASP B 124 9.68 -6.90 -8.89
CA ASP B 124 8.38 -7.53 -8.69
C ASP B 124 8.40 -9.03 -8.47
N MET B 125 9.39 -9.70 -9.03
CA MET B 125 9.47 -11.12 -8.89
C MET B 125 9.56 -11.45 -7.41
N SER B 126 10.17 -10.58 -6.62
CA SER B 126 10.23 -10.74 -5.15
C SER B 126 8.85 -10.74 -4.51
N SER B 127 7.94 -9.89 -4.99
CA SER B 127 6.59 -9.93 -4.42
C SER B 127 5.95 -11.27 -4.82
N GLN B 128 6.15 -11.69 -6.06
CA GLN B 128 5.61 -13.01 -6.46
C GLN B 128 6.18 -14.18 -5.63
N ALA B 129 7.47 -14.12 -5.34
CA ALA B 129 8.04 -15.23 -4.57
C ALA B 129 7.62 -15.14 -3.13
N TYR B 130 7.81 -13.99 -2.51
CA TYR B 130 7.53 -13.85 -1.08
C TYR B 130 6.07 -13.70 -0.69
N GLN B 131 5.35 -12.77 -1.33
CA GLN B 131 3.96 -12.55 -0.99
C GLN B 131 3.10 -13.62 -1.64
N GLY B 132 3.42 -14.02 -2.87
CA GLY B 132 2.65 -15.05 -3.56
C GLY B 132 2.95 -16.45 -3.01
N GLY B 133 4.22 -16.84 -3.04
CA GLY B 133 4.59 -18.19 -2.59
C GLY B 133 4.66 -18.29 -1.09
N GLY B 134 5.45 -17.41 -0.49
CA GLY B 134 5.65 -17.34 0.94
C GLY B 134 4.33 -17.15 1.64
N ARG B 135 3.69 -16.02 1.43
CA ARG B 135 2.44 -15.74 2.10
C ARG B 135 1.27 -16.46 1.50
N GLN B 136 1.45 -17.11 0.34
CA GLN B 136 0.34 -17.86 -0.31
C GLN B 136 -0.84 -16.97 -0.77
N ILE B 137 -0.54 -15.76 -1.21
CA ILE B 137 -1.57 -14.87 -1.74
C ILE B 137 -1.74 -15.42 -3.15
N ALA B 138 -2.97 -15.56 -3.58
CA ALA B 138 -3.26 -16.16 -4.90
C ALA B 138 -2.66 -15.39 -6.10
N PRO B 139 -2.31 -16.09 -7.18
CA PRO B 139 -1.76 -15.49 -8.39
C PRO B 139 -2.64 -14.43 -9.01
N SER B 140 -3.96 -14.59 -8.96
CA SER B 140 -4.81 -13.57 -9.57
C SER B 140 -4.82 -12.28 -8.75
N THR B 141 -4.59 -12.38 -7.45
CA THR B 141 -4.56 -11.20 -6.65
C THR B 141 -3.22 -10.52 -7.00
N MET B 142 -2.15 -11.30 -7.07
CA MET B 142 -0.82 -10.72 -7.34
C MET B 142 -0.84 -10.03 -8.72
N GLN B 143 -1.38 -10.74 -9.67
CA GLN B 143 -1.44 -10.30 -11.04
C GLN B 143 -2.26 -9.00 -11.23
N SER B 144 -3.36 -8.81 -10.49
CA SER B 144 -4.19 -7.58 -10.65
C SER B 144 -3.57 -6.43 -9.88
N LEU B 145 -2.91 -6.70 -8.76
CA LEU B 145 -2.24 -5.62 -8.07
C LEU B 145 -1.02 -5.19 -8.92
N LYS B 146 -0.36 -6.15 -9.59
CA LYS B 146 0.76 -5.83 -10.48
C LYS B 146 0.31 -4.89 -11.61
N GLN B 147 -0.83 -5.20 -12.21
CA GLN B 147 -1.35 -4.40 -13.33
C GLN B 147 -1.67 -2.97 -12.84
N THR B 148 -2.39 -2.86 -11.74
CA THR B 148 -2.77 -1.59 -11.12
C THR B 148 -1.56 -0.69 -10.77
N ALA B 149 -0.50 -1.29 -10.21
CA ALA B 149 0.67 -0.56 -9.79
C ALA B 149 1.70 -0.28 -10.88
N LEU B 150 1.97 -1.27 -11.73
CA LEU B 150 3.04 -1.17 -12.74
C LEU B 150 2.67 -1.26 -14.20
N GLY B 151 1.40 -1.51 -14.51
CA GLY B 151 1.01 -1.69 -15.91
C GLY B 151 1.83 -2.85 -16.48
N ASP B 152 2.32 -2.69 -17.69
CA ASP B 152 3.13 -3.72 -18.34
C ASP B 152 4.63 -3.50 -18.17
N PHE B 153 5.02 -2.56 -17.30
CA PHE B 153 6.44 -2.31 -17.07
C PHE B 153 7.11 -3.54 -16.50
N LYS B 154 8.24 -3.91 -17.07
CA LYS B 154 8.96 -5.07 -16.56
C LYS B 154 10.46 -4.95 -16.86
N PRO B 155 11.30 -5.63 -16.08
CA PRO B 155 12.72 -5.50 -16.38
C PRO B 155 13.04 -6.19 -17.72
N ASP B 156 14.17 -5.82 -18.31
CA ASP B 156 14.62 -6.40 -19.59
C ASP B 156 15.36 -7.71 -19.37
N LEU B 157 16.10 -7.83 -18.27
CA LEU B 157 16.81 -9.08 -17.94
C LEU B 157 16.72 -9.26 -16.46
N THR B 158 16.69 -10.51 -16.00
CA THR B 158 16.69 -10.79 -14.56
C THR B 158 17.63 -11.97 -14.27
N LEU B 159 18.49 -11.81 -13.28
CA LEU B 159 19.38 -12.86 -12.85
C LEU B 159 18.92 -13.33 -11.47
N TYR B 160 18.42 -14.57 -11.44
CA TYR B 160 17.95 -15.18 -10.22
C TYR B 160 19.03 -16.07 -9.63
N LEU B 161 19.51 -15.68 -8.47
CA LEU B 161 20.56 -16.41 -7.79
C LEU B 161 19.89 -17.41 -6.86
N ASP B 162 19.91 -18.68 -7.25
CA ASP B 162 19.26 -19.74 -6.49
C ASP B 162 20.12 -20.28 -5.37
N ILE B 163 19.51 -20.52 -4.21
CA ILE B 163 20.22 -21.06 -3.07
C ILE B 163 19.28 -21.75 -2.12
N ASP B 164 19.80 -22.78 -1.47
CA ASP B 164 19.06 -23.55 -0.50
C ASP B 164 18.62 -22.58 0.59
N PRO B 165 17.34 -22.63 0.99
CA PRO B 165 16.83 -21.75 2.02
C PRO B 165 17.66 -21.72 3.32
N LYS B 166 17.96 -22.89 3.89
CA LYS B 166 18.73 -22.96 5.14
C LYS B 166 20.06 -22.20 4.96
N LEU B 167 20.81 -22.54 3.92
CA LEU B 167 22.10 -21.90 3.64
C LEU B 167 21.90 -20.38 3.49
N GLY B 168 20.81 -20.00 2.81
CA GLY B 168 20.49 -18.59 2.59
C GLY B 168 20.40 -17.81 3.89
N LEU B 169 19.65 -18.36 4.85
CA LEU B 169 19.49 -17.71 6.17
C LEU B 169 20.76 -17.76 7.02
N GLU B 170 21.53 -18.85 6.93
CA GLU B 170 22.77 -18.92 7.68
C GLU B 170 23.70 -17.78 7.18
N ARG B 171 23.69 -17.48 5.88
CA ARG B 171 24.50 -16.38 5.33
C ARG B 171 23.97 -14.99 5.74
N ALA B 172 22.67 -14.79 5.65
CA ALA B 172 22.06 -13.51 6.05
C ALA B 172 22.49 -13.13 7.47
N ARG B 173 22.38 -14.09 8.38
CA ARG B 173 22.73 -13.91 9.78
C ARG B 173 24.15 -13.34 9.91
N GLY B 174 25.05 -13.73 9.02
CA GLY B 174 26.41 -13.21 9.03
C GLY B 174 26.50 -11.71 8.77
N ARG B 175 25.49 -11.11 8.12
CA ARG B 175 25.51 -9.66 7.87
C ARG B 175 25.07 -8.95 9.16
N GLY B 176 23.90 -9.31 9.67
CA GLY B 176 23.37 -8.75 10.91
C GLY B 176 22.08 -9.46 11.32
N GLU B 177 21.36 -8.90 12.29
CA GLU B 177 20.12 -9.51 12.76
C GLU B 177 19.07 -9.67 11.65
N LEU B 178 18.26 -10.71 11.80
CA LEU B 178 17.21 -11.04 10.85
C LEU B 178 15.95 -10.19 11.04
N ASP B 179 15.36 -9.76 9.93
CA ASP B 179 14.14 -8.95 9.98
C ASP B 179 12.89 -9.80 10.26
N ARG B 180 11.73 -9.14 10.30
CA ARG B 180 10.46 -9.80 10.60
C ARG B 180 10.23 -10.99 9.69
N ILE B 181 10.52 -10.79 8.40
CA ILE B 181 10.30 -11.79 7.37
C ILE B 181 11.36 -12.87 7.37
N GLU B 182 12.61 -12.48 7.63
CA GLU B 182 13.70 -13.45 7.69
C GLU B 182 13.53 -14.43 8.86
N LYS B 183 12.58 -14.14 9.78
CA LYS B 183 12.27 -14.99 10.96
C LYS B 183 11.14 -15.98 10.75
N MET B 184 10.58 -16.02 9.54
CA MET B 184 9.52 -16.97 9.26
C MET B 184 10.12 -18.37 9.35
N ASP B 185 9.26 -19.37 9.45
CA ASP B 185 9.72 -20.75 9.56
C ASP B 185 10.33 -21.11 8.19
N ILE B 186 11.00 -22.26 8.12
CA ILE B 186 11.67 -22.67 6.87
C ILE B 186 10.72 -22.81 5.66
N SER B 187 9.56 -23.42 5.85
CA SER B 187 8.66 -23.65 4.72
C SER B 187 8.31 -22.38 3.94
N PHE B 188 8.29 -21.23 4.60
CA PHE B 188 7.99 -19.96 3.95
C PHE B 188 9.02 -19.71 2.87
N PHE B 189 10.27 -19.92 3.23
CA PHE B 189 11.34 -19.72 2.29
C PHE B 189 11.34 -20.78 1.21
N GLU B 190 10.89 -21.99 1.57
CA GLU B 190 10.77 -23.09 0.61
C GLU B 190 9.69 -22.77 -0.43
N ARG B 191 8.56 -22.23 0.01
CA ARG B 191 7.51 -21.84 -0.94
C ARG B 191 7.98 -20.72 -1.85
N ALA B 192 8.78 -19.80 -1.32
CA ALA B 192 9.30 -18.66 -2.11
C ALA B 192 10.31 -19.12 -3.10
N ARG B 193 11.23 -19.96 -2.65
CA ARG B 193 12.17 -20.50 -3.59
C ARG B 193 11.42 -21.26 -4.71
N GLU B 194 10.48 -22.10 -4.32
CA GLU B 194 9.69 -22.85 -5.26
C GLU B 194 9.02 -21.95 -6.29
N ARG B 195 8.61 -20.75 -5.88
CA ARG B 195 7.94 -19.83 -6.80
C ARG B 195 8.95 -19.16 -7.73
N TYR B 196 10.11 -18.83 -7.19
CA TYR B 196 11.15 -18.26 -8.00
C TYR B 196 11.53 -19.24 -9.11
N LEU B 197 11.65 -20.53 -8.77
CA LEU B 197 12.03 -21.55 -9.78
C LEU B 197 10.96 -21.72 -10.88
N GLU B 198 9.67 -21.68 -10.52
CA GLU B 198 8.63 -21.78 -11.57
C GLU B 198 8.78 -20.60 -12.51
N LEU B 199 8.96 -19.41 -11.91
CA LEU B 199 9.09 -18.20 -12.71
C LEU B 199 10.33 -18.16 -13.57
N ALA B 200 11.45 -18.63 -13.04
CA ALA B 200 12.72 -18.66 -13.79
C ALA B 200 12.60 -19.56 -15.02
N ASN B 201 11.89 -20.67 -14.86
CA ASN B 201 11.68 -21.61 -15.93
C ASN B 201 10.71 -21.20 -17.04
N SER B 202 9.64 -20.50 -16.68
CA SER B 202 8.64 -20.12 -17.68
C SER B 202 8.94 -18.78 -18.36
N ASP B 203 10.01 -18.11 -17.98
CA ASP B 203 10.29 -16.77 -18.51
C ASP B 203 11.65 -16.73 -19.17
N ASP B 204 11.66 -16.41 -20.45
CA ASP B 204 12.88 -16.32 -21.27
C ASP B 204 13.80 -15.15 -20.86
N SER B 205 13.25 -14.12 -20.20
CA SER B 205 14.03 -12.95 -19.75
C SER B 205 14.60 -13.10 -18.32
N VAL B 206 14.55 -14.33 -17.80
CA VAL B 206 15.07 -14.66 -16.49
C VAL B 206 16.09 -15.81 -16.68
N VAL B 207 17.27 -15.65 -16.11
CA VAL B 207 18.33 -16.64 -16.18
C VAL B 207 18.76 -16.98 -14.76
N MET B 208 18.93 -18.27 -14.49
CA MET B 208 19.29 -18.75 -13.16
C MET B 208 20.76 -19.03 -12.96
N ILE B 209 21.27 -18.58 -11.82
CA ILE B 209 22.64 -18.77 -11.40
C ILE B 209 22.64 -19.57 -10.11
N ASP B 210 23.61 -20.48 -9.98
CA ASP B 210 23.74 -21.33 -8.81
C ASP B 210 24.56 -20.57 -7.79
N ALA B 211 23.95 -20.21 -6.66
CA ALA B 211 24.66 -19.47 -5.59
C ALA B 211 25.34 -20.41 -4.59
N ALA B 212 25.13 -21.72 -4.73
CA ALA B 212 25.78 -22.72 -3.87
C ALA B 212 27.26 -22.82 -4.19
N GLN B 213 27.61 -22.39 -5.40
CA GLN B 213 28.98 -22.40 -5.87
C GLN B 213 29.76 -21.32 -5.14
N SER B 214 31.03 -21.17 -5.50
CA SER B 214 31.93 -20.19 -4.89
C SER B 214 31.88 -18.85 -5.60
N ILE B 215 32.43 -17.85 -4.90
CA ILE B 215 32.50 -16.49 -5.40
C ILE B 215 33.07 -16.36 -6.81
N GLU B 216 34.07 -17.19 -7.16
CA GLU B 216 34.63 -17.17 -8.50
C GLU B 216 33.61 -17.73 -9.48
N GLN B 217 33.06 -18.90 -9.14
CA GLN B 217 32.08 -19.58 -9.98
C GLN B 217 30.83 -18.71 -10.17
N VAL B 218 30.35 -18.09 -9.10
CA VAL B 218 29.16 -17.23 -9.22
C VAL B 218 29.51 -16.08 -10.17
N THR B 219 30.57 -15.33 -9.85
CA THR B 219 31.01 -14.23 -10.71
C THR B 219 31.09 -14.63 -12.19
N ALA B 220 31.70 -15.80 -12.48
CA ALA B 220 31.89 -16.25 -13.86
C ALA B 220 30.61 -16.54 -14.66
N ASP B 221 29.61 -17.13 -14.01
CA ASP B 221 28.32 -17.44 -14.66
C ASP B 221 27.52 -16.17 -14.90
N ILE B 222 27.61 -15.24 -13.98
CA ILE B 222 26.94 -13.98 -14.14
C ILE B 222 27.56 -13.29 -15.33
N ARG B 223 28.89 -13.22 -15.33
CA ARG B 223 29.61 -12.50 -16.38
C ARG B 223 29.27 -13.10 -17.75
N ARG B 224 29.22 -14.43 -17.84
CA ARG B 224 28.88 -15.09 -19.13
C ARG B 224 27.40 -14.91 -19.53
N ALA B 225 26.48 -15.16 -18.61
CA ALA B 225 25.06 -15.01 -18.89
C ALA B 225 24.80 -13.59 -19.39
N LEU B 226 25.42 -12.63 -18.71
CA LEU B 226 25.27 -11.23 -19.05
C LEU B 226 25.85 -10.94 -20.43
N GLN B 227 27.03 -11.50 -20.67
CA GLN B 227 27.73 -11.34 -21.92
C GLN B 227 26.84 -11.81 -23.09
N ASP B 228 26.31 -13.04 -22.97
CA ASP B 228 25.43 -13.62 -24.03
C ASP B 228 24.30 -12.67 -24.35
N TRP B 229 23.54 -12.32 -23.32
CA TRP B 229 22.38 -11.43 -23.46
C TRP B 229 22.68 -10.10 -24.19
N LEU B 230 23.86 -9.50 -23.96
CA LEU B 230 24.23 -8.24 -24.61
C LEU B 230 24.35 -8.39 -26.14
N SER B 231 24.94 -9.51 -26.60
CA SER B 231 25.11 -9.79 -28.03
C SER B 231 23.80 -10.11 -28.69
N GLN B 232 22.98 -10.88 -27.99
CA GLN B 232 21.69 -11.31 -28.48
C GLN B 232 20.67 -10.19 -28.24
N VAL B 233 21.02 -9.01 -28.76
CA VAL B 233 20.24 -7.76 -28.69
C VAL B 233 20.63 -6.88 -29.90
N ASN B 234 19.67 -6.64 -30.79
CA ASN B 234 19.80 -5.82 -32.02
C ASN B 234 18.83 -6.30 -33.11
#